data_5TV8
#
_entry.id   5TV8
#
_cell.length_a   68.576
_cell.length_b   106.381
_cell.length_c   113.553
_cell.angle_alpha   90.00
_cell.angle_beta   90.00
_cell.angle_gamma   90.00
#
_symmetry.space_group_name_H-M   'P 21 21 21'
#
loop_
_entity.id
_entity.type
_entity.pdbx_description
1 polymer '6-carboxyhexanoate--CoA ligase'
2 non-polymer 'DIPHOSPHOMETHYLPHOSPHONIC ACID ADENOSYL ESTER'
3 non-polymer 'MAGNESIUM ION'
4 non-polymer 'PIMELIC ACID'
5 water water
#
_entity_poly.entity_id   1
_entity_poly.type   'polypeptide(L)'
_entity_poly.pdbx_seq_one_letter_code
;MDLFSVRMRAQKNGKHVSGAERIVKKEELETAVKELLNRPKEFDFMNVKVEKVKDFEVVKFNLKISTYSFKSPEEAREFA
VKKLTQEGIKEEVAKKAVEILSKGANPKGGNMRGAVLMDIETGERLEEDKERGVRTIHFDWKDRKKVTEKLLKEGYTLRT
VDALALTFKNLFCGVVAELCWSDDPDYVTGYVSGKEIGYVRITPLKEKGDPLGGRVYFVSRKELSEIIECLTQKVVLIEL
;
_entity_poly.pdbx_strand_id   A,B
#
# COMPACT_ATOMS: atom_id res chain seq x y z
N ASP A 2 -15.35 4.91 14.85
CA ASP A 2 -14.14 5.10 13.98
C ASP A 2 -14.25 4.43 12.61
N LEU A 3 -14.20 5.25 11.56
CA LEU A 3 -14.35 4.77 10.18
C LEU A 3 -13.02 4.71 9.45
N PHE A 4 -12.86 3.70 8.60
CA PHE A 4 -11.62 3.50 7.85
C PHE A 4 -11.87 3.33 6.36
N SER A 5 -11.06 4.01 5.56
CA SER A 5 -11.03 3.81 4.12
C SER A 5 -10.01 2.71 3.77
N VAL A 6 -10.49 1.70 3.05
CA VAL A 6 -9.63 0.63 2.53
C VAL A 6 -9.61 0.70 0.98
N ARG A 7 -8.44 1.03 0.42
CA ARG A 7 -8.28 1.10 -1.04
C ARG A 7 -7.27 0.09 -1.52
N MET A 8 -7.70 -0.74 -2.47
CA MET A 8 -6.85 -1.76 -3.08
C MET A 8 -6.67 -1.52 -4.58
N ARG A 9 -5.43 -1.60 -5.06
CA ARG A 9 -5.14 -1.73 -6.49
C ARG A 9 -4.22 -2.92 -6.74
N ALA A 10 -4.38 -3.57 -7.89
CA ALA A 10 -3.59 -4.76 -8.20
C ALA A 10 -3.17 -4.82 -9.68
N GLN A 11 -1.99 -5.41 -9.94
CA GLN A 11 -1.38 -5.46 -11.28
C GLN A 11 -0.87 -6.84 -11.67
N LYS A 12 -1.03 -7.18 -12.95
CA LYS A 12 -0.29 -8.29 -13.54
C LYS A 12 0.55 -7.78 -14.69
N ASN A 13 1.86 -8.01 -14.59
CA ASN A 13 2.83 -7.57 -15.59
C ASN A 13 2.78 -6.08 -15.90
N GLY A 14 2.63 -5.27 -14.86
CA GLY A 14 2.65 -3.83 -14.99
C GLY A 14 1.41 -3.24 -15.67
N LYS A 15 0.35 -4.05 -15.78
CA LYS A 15 -0.95 -3.55 -16.22
C LYS A 15 -1.99 -3.75 -15.14
N HIS A 16 -2.75 -2.70 -14.85
CA HIS A 16 -3.78 -2.70 -13.81
C HIS A 16 -4.85 -3.76 -14.08
N VAL A 17 -5.16 -4.59 -13.08
CA VAL A 17 -6.10 -5.69 -13.31
C VAL A 17 -7.28 -5.75 -12.35
N SER A 18 -7.23 -4.94 -11.31
CA SER A 18 -8.28 -4.94 -10.28
C SER A 18 -8.11 -3.78 -9.32
N GLY A 19 -9.24 -3.31 -8.77
CA GLY A 19 -9.28 -2.13 -7.92
C GLY A 19 -10.61 -2.05 -7.19
N ALA A 20 -10.57 -1.50 -5.97
CA ALA A 20 -11.79 -1.34 -5.16
C ALA A 20 -11.53 -0.47 -3.94
N GLU A 21 -12.60 0.13 -3.42
CA GLU A 21 -12.55 0.78 -2.13
C GLU A 21 -13.71 0.34 -1.26
N ARG A 22 -13.42 0.25 0.05
CA ARG A 22 -14.42 -0.02 1.06
C ARG A 22 -14.18 0.93 2.23
N ILE A 23 -15.26 1.48 2.78
CA ILE A 23 -15.16 2.41 3.91
C ILE A 23 -15.98 1.82 5.04
N VAL A 24 -15.31 1.34 6.08
CA VAL A 24 -15.95 0.57 7.15
C VAL A 24 -15.50 0.92 8.57
N LYS A 25 -16.26 0.44 9.56
CA LYS A 25 -15.94 0.63 10.97
C LYS A 25 -14.82 -0.32 11.36
N LYS A 26 -14.06 0.08 12.38
CA LYS A 26 -12.97 -0.74 12.94
C LYS A 26 -13.34 -2.21 13.00
N GLU A 27 -14.56 -2.49 13.46
CA GLU A 27 -15.00 -3.87 13.66
C GLU A 27 -15.11 -4.66 12.35
N GLU A 28 -15.30 -3.97 11.24
CA GLU A 28 -15.41 -4.64 9.94
C GLU A 28 -14.17 -4.44 9.07
N LEU A 29 -13.13 -3.84 9.64
CA LEU A 29 -11.90 -3.55 8.93
C LEU A 29 -11.22 -4.81 8.34
N GLU A 30 -11.17 -5.88 9.13
CA GLU A 30 -10.53 -7.10 8.66
C GLU A 30 -11.33 -7.78 7.57
N THR A 31 -12.66 -7.82 7.73
CA THR A 31 -13.55 -8.34 6.69
C THR A 31 -13.30 -7.68 5.34
N ALA A 32 -13.16 -6.35 5.37
CA ALA A 32 -13.00 -5.55 4.16
C ALA A 32 -11.66 -5.87 3.47
N VAL A 33 -10.58 -5.81 4.25
CA VAL A 33 -9.25 -6.21 3.75
C VAL A 33 -9.31 -7.62 3.15
N LYS A 34 -9.97 -8.53 3.85
CA LYS A 34 -10.09 -9.92 3.39
C LYS A 34 -10.77 -10.01 2.03
N GLU A 35 -11.84 -9.23 1.84
CA GLU A 35 -12.55 -9.18 0.58
C GLU A 35 -11.61 -8.72 -0.53
N LEU A 36 -11.01 -7.55 -0.35
CA LEU A 36 -10.24 -6.94 -1.42
C LEU A 36 -8.96 -7.71 -1.76
N LEU A 37 -8.35 -8.33 -0.76
CA LEU A 37 -7.19 -9.18 -0.98
C LEU A 37 -7.59 -10.30 -1.93
N ASN A 38 -8.80 -10.82 -1.76
CA ASN A 38 -9.24 -11.97 -2.52
C ASN A 38 -9.75 -11.60 -3.91
N ARG A 39 -9.90 -10.30 -4.15
CA ARG A 39 -10.73 -9.82 -5.24
C ARG A 39 -10.21 -10.16 -6.64
N PRO A 40 -8.93 -9.86 -6.94
CA PRO A 40 -8.43 -10.23 -8.27
C PRO A 40 -8.21 -11.74 -8.38
N LYS A 41 -8.48 -12.30 -9.56
CA LYS A 41 -8.28 -13.74 -9.77
C LYS A 41 -6.79 -14.07 -9.85
N GLU A 42 -6.00 -13.12 -10.38
CA GLU A 42 -4.58 -13.29 -10.66
C GLU A 42 -3.88 -11.95 -10.53
N PHE A 43 -2.76 -11.91 -9.81
CA PHE A 43 -1.91 -10.69 -9.73
C PHE A 43 -0.47 -11.00 -9.35
N ASP A 44 0.46 -10.07 -9.64
CA ASP A 44 1.84 -10.16 -9.14
C ASP A 44 2.23 -9.01 -8.20
N PHE A 45 1.54 -7.87 -8.29
CA PHE A 45 1.69 -6.79 -7.31
C PHE A 45 0.32 -6.33 -6.81
N MET A 46 0.18 -6.20 -5.49
CA MET A 46 -1.01 -5.62 -4.88
C MET A 46 -0.65 -4.60 -3.81
N ASN A 47 -1.38 -3.49 -3.78
CA ASN A 47 -1.22 -2.49 -2.72
C ASN A 47 -2.55 -2.28 -2.03
N VAL A 48 -2.56 -2.41 -0.70
CA VAL A 48 -3.72 -2.01 0.09
C VAL A 48 -3.35 -0.82 0.98
N LYS A 49 -4.23 0.17 1.01
CA LYS A 49 -4.03 1.44 1.73
C LYS A 49 -5.19 1.64 2.70
N VAL A 50 -4.87 1.67 4.00
CA VAL A 50 -5.88 1.85 5.05
C VAL A 50 -5.69 3.20 5.74
N GLU A 51 -6.74 4.00 5.74
CA GLU A 51 -6.67 5.36 6.20
C GLU A 51 -7.88 5.68 7.09
N LYS A 52 -7.61 6.20 8.28
CA LYS A 52 -8.67 6.61 9.19
C LYS A 52 -9.37 7.84 8.62
N VAL A 53 -10.70 7.82 8.68
CA VAL A 53 -11.52 8.90 8.16
C VAL A 53 -11.73 9.94 9.26
N LYS A 54 -11.48 11.21 8.91
CA LYS A 54 -11.68 12.31 9.84
C LYS A 54 -13.10 12.83 9.70
N ASP A 55 -13.35 13.64 8.68
CA ASP A 55 -14.72 14.07 8.40
C ASP A 55 -15.31 13.19 7.30
N PHE A 56 -16.61 12.94 7.38
CA PHE A 56 -17.34 12.26 6.33
C PHE A 56 -18.79 12.72 6.39
N GLU A 57 -19.59 12.30 5.41
CA GLU A 57 -21.00 12.66 5.39
C GLU A 57 -21.83 11.47 4.91
N VAL A 58 -23.01 11.32 5.51
CA VAL A 58 -23.94 10.27 5.11
C VAL A 58 -24.99 10.91 4.24
N VAL A 59 -25.22 10.33 3.07
CA VAL A 59 -26.20 10.85 2.12
C VAL A 59 -27.20 9.74 1.77
N LYS A 60 -28.44 10.14 1.54
CA LYS A 60 -29.51 9.20 1.21
C LYS A 60 -29.65 9.05 -0.31
N PHE A 61 -29.51 7.82 -0.80
CA PHE A 61 -29.69 7.52 -2.21
C PHE A 61 -31.13 7.76 -2.62
N ASN A 62 -31.32 8.39 -3.77
CA ASN A 62 -32.64 8.81 -4.24
C ASN A 62 -32.79 8.95 -5.76
N LEU A 63 -32.07 8.13 -6.51
CA LEU A 63 -32.24 8.10 -7.96
C LEU A 63 -33.18 6.98 -8.42
N LYS A 64 -34.11 7.34 -9.32
CA LYS A 64 -34.91 6.32 -10.00
C LYS A 64 -34.04 5.57 -11.03
N ILE A 65 -34.11 4.24 -11.01
CA ILE A 65 -33.34 3.39 -11.90
C ILE A 65 -34.25 2.96 -13.05
N SER A 66 -33.79 3.09 -14.29
CA SER A 66 -34.54 2.55 -15.43
C SER A 66 -33.63 1.86 -16.45
N THR A 67 -34.10 0.75 -17.01
CA THR A 67 -33.37 0.00 -18.01
C THR A 67 -33.99 0.18 -19.41
N TYR A 68 -33.17 0.22 -20.45
CA TYR A 68 -33.62 0.40 -21.84
C TYR A 68 -32.77 -0.43 -22.79
N SER A 69 -33.40 -1.21 -23.65
CA SER A 69 -32.66 -2.10 -24.56
C SER A 69 -32.87 -1.68 -26.00
N PHE A 70 -31.91 -1.98 -26.86
CA PHE A 70 -31.94 -1.56 -28.27
C PHE A 70 -31.32 -2.62 -29.18
N LYS A 71 -31.57 -2.49 -30.49
CA LYS A 71 -31.07 -3.43 -31.50
C LYS A 71 -29.56 -3.27 -31.71
N SER A 72 -29.08 -2.04 -31.74
CA SER A 72 -27.67 -1.78 -32.03
C SER A 72 -27.10 -0.68 -31.12
N PRO A 73 -25.76 -0.60 -31.02
CA PRO A 73 -25.10 0.53 -30.36
C PRO A 73 -25.46 1.92 -30.88
N GLU A 74 -25.76 2.04 -32.18
CA GLU A 74 -26.18 3.32 -32.76
C GLU A 74 -27.44 3.82 -32.08
N GLU A 75 -28.44 2.94 -31.98
CA GLU A 75 -29.70 3.27 -31.32
C GLU A 75 -29.50 3.58 -29.84
N ALA A 76 -28.71 2.76 -29.17
CA ALA A 76 -28.34 2.99 -27.78
C ALA A 76 -27.73 4.38 -27.58
N ARG A 77 -26.72 4.69 -28.38
CA ARG A 77 -26.00 5.95 -28.24
C ARG A 77 -26.84 7.18 -28.58
N GLU A 78 -27.83 7.03 -29.44
CA GLU A 78 -28.78 8.12 -29.69
C GLU A 78 -29.64 8.40 -28.46
N PHE A 79 -30.12 7.34 -27.84
CA PHE A 79 -30.93 7.43 -26.64
C PHE A 79 -30.13 8.04 -25.51
N ALA A 80 -28.83 7.75 -25.51
CA ALA A 80 -27.94 8.27 -24.50
C ALA A 80 -27.93 9.78 -24.66
N VAL A 81 -27.64 10.23 -25.87
CA VAL A 81 -27.65 11.66 -26.19
C VAL A 81 -29.01 12.27 -25.87
N LYS A 82 -30.07 11.65 -26.36
CA LYS A 82 -31.43 12.11 -26.11
C LYS A 82 -31.62 12.40 -24.63
N LYS A 83 -31.30 11.41 -23.79
CA LYS A 83 -31.53 11.51 -22.34
C LYS A 83 -30.66 12.57 -21.69
N LEU A 84 -29.45 12.76 -22.23
CA LEU A 84 -28.55 13.79 -21.73
C LEU A 84 -29.08 15.20 -21.96
N THR A 85 -29.79 15.40 -23.08
CA THR A 85 -30.37 16.72 -23.37
C THR A 85 -31.50 17.03 -22.40
N GLN A 86 -32.11 16.00 -21.83
CA GLN A 86 -33.12 16.21 -20.78
C GLN A 86 -32.52 16.79 -19.51
N GLU A 87 -31.18 16.89 -19.47
CA GLU A 87 -30.46 17.57 -18.38
C GLU A 87 -29.98 18.95 -18.82
N GLY A 88 -30.46 19.42 -19.96
CA GLY A 88 -30.09 20.74 -20.48
C GLY A 88 -28.73 20.83 -21.18
N ILE A 89 -28.30 19.73 -21.79
CA ILE A 89 -27.02 19.69 -22.47
C ILE A 89 -27.21 19.76 -23.98
N LYS A 90 -26.53 20.69 -24.63
CA LYS A 90 -26.61 20.80 -26.08
C LYS A 90 -26.28 19.45 -26.70
N GLU A 91 -27.08 19.07 -27.70
CA GLU A 91 -26.89 17.81 -28.42
C GLU A 91 -25.46 17.66 -28.98
N GLU A 92 -24.86 18.77 -29.41
CA GLU A 92 -23.48 18.76 -29.94
C GLU A 92 -22.50 18.33 -28.87
N VAL A 93 -22.73 18.82 -27.64
CA VAL A 93 -21.89 18.50 -26.50
C VAL A 93 -22.05 17.03 -26.13
N ALA A 94 -23.30 16.56 -26.03
CA ALA A 94 -23.56 15.15 -25.70
C ALA A 94 -22.96 14.23 -26.76
N LYS A 95 -23.14 14.61 -28.02
CA LYS A 95 -22.55 13.88 -29.15
C LYS A 95 -21.03 13.84 -29.05
N LYS A 96 -20.44 14.95 -28.62
CA LYS A 96 -18.99 15.05 -28.46
C LYS A 96 -18.47 14.06 -27.41
N ALA A 97 -19.23 13.86 -26.35
CA ALA A 97 -18.84 12.92 -25.31
C ALA A 97 -18.83 11.50 -25.86
N VAL A 98 -19.91 11.11 -26.53
CA VAL A 98 -19.98 9.79 -27.15
C VAL A 98 -18.84 9.55 -28.11
N GLU A 99 -18.57 10.52 -28.98
CA GLU A 99 -17.50 10.41 -29.94
C GLU A 99 -16.19 10.16 -29.23
N ILE A 100 -15.90 10.97 -28.20
CA ILE A 100 -14.67 10.84 -27.42
C ILE A 100 -14.52 9.43 -26.88
N LEU A 101 -15.58 8.93 -26.23
CA LEU A 101 -15.54 7.59 -25.64
C LEU A 101 -15.33 6.50 -26.69
N SER A 102 -16.08 6.57 -27.79
CA SER A 102 -16.02 5.49 -28.78
C SER A 102 -14.71 5.47 -29.57
N LYS A 103 -14.05 6.62 -29.64
CA LYS A 103 -12.76 6.72 -30.31
C LYS A 103 -11.57 6.33 -29.45
N GLY A 104 -11.76 6.28 -28.14
CA GLY A 104 -10.67 6.10 -27.19
C GLY A 104 -10.38 7.43 -26.51
N ALA A 105 -10.73 7.53 -25.22
CA ALA A 105 -10.69 8.80 -24.49
C ALA A 105 -9.26 9.24 -24.20
N ASN A 106 -8.34 8.30 -24.10
CA ASN A 106 -6.95 8.60 -23.87
C ASN A 106 -6.28 8.99 -25.19
N PRO A 107 -5.66 10.19 -25.25
CA PRO A 107 -4.96 10.63 -26.48
C PRO A 107 -3.83 9.69 -26.92
N LYS A 108 -3.05 9.14 -25.98
CA LYS A 108 -2.08 8.09 -26.28
C LYS A 108 -2.72 6.93 -27.04
N GLY A 109 -3.96 6.62 -26.68
CA GLY A 109 -4.70 5.54 -27.31
C GLY A 109 -5.26 4.60 -26.26
N GLY A 110 -6.54 4.28 -26.39
CA GLY A 110 -7.21 3.38 -25.45
C GLY A 110 -7.87 4.08 -24.27
N ASN A 111 -7.83 3.42 -23.12
CA ASN A 111 -8.57 3.87 -21.94
C ASN A 111 -7.82 4.75 -20.95
N MET A 112 -8.48 5.84 -20.53
CA MET A 112 -8.06 6.56 -19.32
C MET A 112 -8.40 5.75 -18.09
N ARG A 113 -7.69 6.01 -16.99
CA ARG A 113 -8.01 5.39 -15.71
C ARG A 113 -9.08 6.17 -14.91
N GLY A 114 -9.35 7.39 -15.35
CA GLY A 114 -10.33 8.26 -14.71
C GLY A 114 -11.32 8.81 -15.72
N ALA A 115 -11.89 9.99 -15.43
CA ALA A 115 -12.98 10.53 -16.24
C ALA A 115 -12.59 11.81 -16.94
N VAL A 116 -13.19 12.04 -18.11
CA VAL A 116 -13.17 13.33 -18.79
C VAL A 116 -14.05 14.27 -17.98
N LEU A 117 -13.58 15.50 -17.77
CA LEU A 117 -14.43 16.56 -17.22
C LEU A 117 -14.80 17.49 -18.35
N MET A 118 -16.01 17.35 -18.86
CA MET A 118 -16.44 18.15 -19.99
C MET A 118 -17.24 19.35 -19.56
N ASP A 119 -16.87 20.50 -20.10
CA ASP A 119 -17.59 21.75 -19.91
C ASP A 119 -18.97 21.64 -20.57
N ILE A 120 -20.06 21.75 -19.77
CA ILE A 120 -21.44 21.57 -20.29
C ILE A 120 -21.77 22.53 -21.44
N GLU A 121 -21.19 23.72 -21.39
CA GLU A 121 -21.48 24.76 -22.37
C GLU A 121 -20.67 24.57 -23.64
N THR A 122 -19.39 24.26 -23.49
CA THR A 122 -18.47 24.32 -24.64
C THR A 122 -18.14 22.96 -25.25
N GLY A 123 -18.11 21.91 -24.43
CA GLY A 123 -17.74 20.57 -24.92
C GLY A 123 -16.26 20.30 -24.70
N GLU A 124 -15.59 21.28 -24.11
CA GLU A 124 -14.15 21.27 -23.93
C GLU A 124 -13.70 20.37 -22.77
N ARG A 125 -12.59 19.68 -22.99
CA ARG A 125 -12.03 18.83 -21.96
C ARG A 125 -11.29 19.68 -20.96
N LEU A 126 -11.79 19.65 -19.73
CA LEU A 126 -11.32 20.54 -18.70
C LEU A 126 -10.19 19.95 -17.87
N GLU A 127 -10.05 18.62 -17.92
CA GLU A 127 -9.07 17.92 -17.10
C GLU A 127 -7.65 18.20 -17.59
N GLU A 128 -6.69 18.28 -16.66
CA GLU A 128 -5.33 18.67 -17.04
C GLU A 128 -4.53 17.52 -17.62
N ASP A 129 -4.62 16.37 -16.97
CA ASP A 129 -4.01 15.15 -17.48
C ASP A 129 -5.08 14.40 -18.26
N LYS A 130 -4.94 14.37 -19.59
CA LYS A 130 -5.97 13.76 -20.42
C LYS A 130 -5.76 12.26 -20.57
N GLU A 131 -4.63 11.76 -20.09
CA GLU A 131 -4.37 10.32 -20.08
C GLU A 131 -4.96 9.66 -18.83
N ARG A 132 -4.82 10.34 -17.69
CA ARG A 132 -5.24 9.77 -16.42
C ARG A 132 -6.67 10.17 -16.03
N GLY A 133 -7.05 11.41 -16.31
CA GLY A 133 -8.37 11.91 -15.94
C GLY A 133 -8.54 12.13 -14.46
N VAL A 134 -9.77 12.38 -14.02
CA VAL A 134 -10.04 12.53 -12.60
C VAL A 134 -10.77 11.28 -12.10
N ARG A 135 -10.31 10.79 -10.94
CA ARG A 135 -10.86 9.59 -10.33
C ARG A 135 -11.72 9.93 -9.09
N THR A 136 -12.96 9.43 -9.10
CA THR A 136 -13.87 9.61 -7.99
C THR A 136 -13.57 8.56 -6.91
N ILE A 137 -13.12 9.01 -5.75
CA ILE A 137 -12.76 8.09 -4.67
C ILE A 137 -13.50 8.43 -3.37
N HIS A 138 -13.16 7.73 -2.29
CA HIS A 138 -13.72 7.94 -0.93
C HIS A 138 -15.26 7.99 -0.88
N PHE A 139 -15.88 6.85 -1.15
CA PHE A 139 -17.33 6.71 -1.19
C PHE A 139 -17.59 5.22 -1.05
N ASP A 140 -18.82 4.84 -0.70
CA ASP A 140 -19.17 3.45 -0.46
C ASP A 140 -20.60 3.47 0.05
N TRP A 141 -21.28 2.33 -0.09
CA TRP A 141 -22.58 2.15 0.54
C TRP A 141 -22.38 2.05 2.05
N LYS A 142 -23.23 2.74 2.82
CA LYS A 142 -23.19 2.65 4.28
C LYS A 142 -23.24 1.18 4.73
N ASP A 143 -24.24 0.44 4.24
CA ASP A 143 -24.37 -1.00 4.48
C ASP A 143 -24.36 -1.81 3.15
N ARG A 144 -23.16 -2.18 2.70
CA ARG A 144 -22.94 -2.83 1.40
C ARG A 144 -23.51 -4.25 1.31
N LYS A 145 -23.39 -5.05 2.39
CA LYS A 145 -24.08 -6.34 2.45
C LYS A 145 -25.55 -6.16 2.03
N LYS A 146 -26.25 -5.26 2.74
CA LYS A 146 -27.68 -5.10 2.57
C LYS A 146 -28.03 -4.66 1.16
N VAL A 147 -27.32 -3.63 0.69
CA VAL A 147 -27.55 -3.09 -0.66
C VAL A 147 -27.30 -4.15 -1.72
N THR A 148 -26.22 -4.90 -1.55
CA THR A 148 -25.82 -5.89 -2.53
C THR A 148 -26.87 -6.99 -2.67
N GLU A 149 -27.35 -7.56 -1.56
CA GLU A 149 -28.37 -8.60 -1.65
C GLU A 149 -29.65 -8.03 -2.26
N LYS A 150 -30.03 -6.84 -1.81
CA LYS A 150 -31.22 -6.19 -2.33
C LYS A 150 -31.12 -6.00 -3.86
N LEU A 151 -30.06 -5.38 -4.34
CA LEU A 151 -29.97 -5.06 -5.76
C LEU A 151 -29.79 -6.27 -6.68
N LEU A 152 -29.06 -7.28 -6.21
CA LEU A 152 -28.90 -8.53 -6.96
C LEU A 152 -30.22 -9.26 -7.18
N LYS A 153 -30.96 -9.54 -6.11
CA LYS A 153 -32.22 -10.28 -6.30
C LYS A 153 -33.32 -9.42 -6.88
N GLU A 154 -33.03 -8.13 -7.05
CA GLU A 154 -33.86 -7.26 -7.86
C GLU A 154 -33.52 -7.32 -9.36
N GLY A 155 -32.49 -8.08 -9.75
CA GLY A 155 -32.11 -8.16 -11.19
C GLY A 155 -30.78 -7.53 -11.62
N TYR A 156 -30.32 -6.54 -10.87
CA TYR A 156 -29.08 -5.80 -11.16
C TYR A 156 -27.83 -6.58 -10.79
N THR A 157 -26.67 -6.15 -11.31
CA THR A 157 -25.41 -6.89 -11.17
C THR A 157 -24.42 -6.19 -10.23
N LEU A 158 -23.32 -6.88 -9.91
CA LEU A 158 -22.29 -6.29 -9.06
C LEU A 158 -21.71 -5.01 -9.66
N ARG A 159 -21.59 -4.95 -10.99
CA ARG A 159 -21.21 -3.69 -11.62
C ARG A 159 -22.23 -2.59 -11.29
N THR A 160 -23.52 -2.88 -11.46
CA THR A 160 -24.55 -1.91 -11.07
C THR A 160 -24.37 -1.40 -9.65
N VAL A 161 -24.16 -2.33 -8.70
CA VAL A 161 -23.99 -1.98 -7.29
C VAL A 161 -22.92 -0.91 -7.15
N ASP A 162 -21.76 -1.20 -7.73
CA ASP A 162 -20.62 -0.29 -7.74
C ASP A 162 -20.86 1.01 -8.49
N ALA A 163 -21.35 0.89 -9.73
CA ALA A 163 -21.58 2.06 -10.58
C ALA A 163 -22.61 3.02 -9.95
N LEU A 164 -23.69 2.48 -9.42
CA LEU A 164 -24.67 3.29 -8.64
C LEU A 164 -24.06 4.19 -7.58
N ALA A 165 -23.16 3.64 -6.78
CA ALA A 165 -22.56 4.38 -5.65
C ALA A 165 -21.62 5.46 -6.17
N LEU A 166 -20.82 5.09 -7.18
CA LEU A 166 -19.89 6.01 -7.83
C LEU A 166 -20.65 7.21 -8.40
N THR A 167 -21.69 6.96 -9.19
CA THR A 167 -22.37 8.07 -9.90
C THR A 167 -23.04 8.93 -8.87
N PHE A 168 -23.63 8.28 -7.87
CA PHE A 168 -24.34 9.05 -6.89
C PHE A 168 -23.39 10.05 -6.27
N LYS A 169 -22.18 9.62 -5.91
CA LYS A 169 -21.21 10.60 -5.42
C LYS A 169 -20.92 11.70 -6.46
N ASN A 170 -20.71 11.34 -7.73
CA ASN A 170 -20.45 12.34 -8.78
C ASN A 170 -21.56 13.39 -8.79
N LEU A 171 -22.81 12.93 -8.83
CA LEU A 171 -23.94 13.86 -8.86
C LEU A 171 -24.02 14.72 -7.62
N PHE A 172 -23.73 14.11 -6.48
CA PHE A 172 -23.71 14.83 -5.21
C PHE A 172 -22.63 15.90 -5.22
N CYS A 173 -21.48 15.57 -5.77
CA CYS A 173 -20.35 16.51 -5.84
C CYS A 173 -20.52 17.66 -6.82
N GLY A 174 -21.66 17.73 -7.52
CA GLY A 174 -21.91 18.85 -8.42
C GLY A 174 -21.82 18.55 -9.90
N VAL A 175 -21.44 17.32 -10.25
CA VAL A 175 -21.51 16.85 -11.62
C VAL A 175 -22.99 16.92 -12.07
N VAL A 176 -23.24 17.54 -13.23
CA VAL A 176 -24.62 17.71 -13.73
C VAL A 176 -25.16 16.40 -14.29
N ALA A 177 -24.29 15.64 -14.94
CA ALA A 177 -24.70 14.43 -15.62
C ALA A 177 -23.46 13.62 -15.98
N GLU A 178 -23.64 12.31 -16.11
CA GLU A 178 -22.55 11.40 -16.47
C GLU A 178 -22.93 10.55 -17.68
N LEU A 179 -21.96 10.32 -18.56
CA LEU A 179 -22.05 9.26 -19.55
C LEU A 179 -20.96 8.25 -19.26
N CYS A 180 -21.33 6.98 -19.26
CA CYS A 180 -20.39 5.93 -18.91
C CYS A 180 -20.73 4.62 -19.60
N TRP A 181 -19.70 3.92 -20.03
CA TRP A 181 -19.84 2.49 -20.28
C TRP A 181 -18.54 1.78 -19.95
N SER A 182 -18.65 0.52 -19.54
CA SER A 182 -17.51 -0.28 -19.09
C SER A 182 -16.43 -0.44 -20.18
N ASP A 183 -15.21 -0.76 -19.76
CA ASP A 183 -14.19 -1.06 -20.74
C ASP A 183 -13.98 -2.58 -20.89
N ASP A 184 -14.51 -3.36 -19.95
CA ASP A 184 -14.56 -4.81 -20.10
C ASP A 184 -15.27 -5.15 -21.42
N PRO A 185 -14.57 -5.87 -22.33
CA PRO A 185 -15.13 -6.04 -23.70
C PRO A 185 -16.43 -6.86 -23.77
N ASP A 186 -16.84 -7.48 -22.67
CA ASP A 186 -17.99 -8.37 -22.69
C ASP A 186 -19.16 -7.91 -21.82
N TYR A 187 -19.08 -6.69 -21.29
CA TYR A 187 -20.19 -6.07 -20.57
C TYR A 187 -20.60 -4.81 -21.31
N VAL A 188 -21.72 -4.90 -22.04
CA VAL A 188 -22.13 -3.89 -23.00
C VAL A 188 -23.31 -3.01 -22.55
N THR A 189 -23.77 -3.22 -21.32
CA THR A 189 -24.72 -2.30 -20.69
C THR A 189 -23.93 -1.11 -20.13
N GLY A 190 -24.34 0.10 -20.51
CA GLY A 190 -23.72 1.30 -19.97
C GLY A 190 -24.81 2.12 -19.31
N TYR A 191 -24.50 3.38 -19.01
CA TYR A 191 -25.52 4.26 -18.45
C TYR A 191 -25.28 5.74 -18.70
N VAL A 192 -26.30 6.48 -18.33
CA VAL A 192 -26.31 7.91 -18.41
C VAL A 192 -27.12 8.31 -17.18
N SER A 193 -26.64 9.30 -16.43
CA SER A 193 -27.30 9.65 -15.18
C SER A 193 -27.28 11.14 -14.92
N GLY A 194 -28.28 11.61 -14.18
CA GLY A 194 -28.39 12.98 -13.71
C GLY A 194 -29.51 13.04 -12.68
N LYS A 195 -29.66 14.17 -12.01
CA LYS A 195 -30.70 14.34 -10.98
C LYS A 195 -32.12 14.29 -11.56
N GLU A 196 -32.28 14.74 -12.80
CA GLU A 196 -33.59 14.71 -13.43
C GLU A 196 -33.89 13.32 -13.98
N ILE A 197 -32.97 12.78 -14.78
CA ILE A 197 -33.22 11.52 -15.48
C ILE A 197 -33.02 10.28 -14.59
N GLY A 198 -32.34 10.46 -13.46
CA GLY A 198 -31.99 9.33 -12.59
C GLY A 198 -30.83 8.54 -13.18
N TYR A 199 -30.87 7.23 -12.99
CA TYR A 199 -29.83 6.32 -13.45
C TYR A 199 -30.45 5.47 -14.53
N VAL A 200 -29.92 5.59 -15.75
CA VAL A 200 -30.59 5.12 -16.96
C VAL A 200 -29.69 4.13 -17.67
N ARG A 201 -30.06 2.85 -17.57
CA ARG A 201 -29.26 1.77 -18.09
C ARG A 201 -29.62 1.54 -19.55
N ILE A 202 -28.60 1.37 -20.39
CA ILE A 202 -28.78 1.36 -21.85
C ILE A 202 -27.92 0.25 -22.47
N THR A 203 -28.56 -0.73 -23.07
CA THR A 203 -27.87 -1.85 -23.67
C THR A 203 -28.30 -1.90 -25.13
N PRO A 204 -27.35 -2.10 -26.05
CA PRO A 204 -25.92 -2.22 -25.80
C PRO A 204 -25.17 -0.93 -26.20
N LEU A 205 -24.42 -0.34 -25.27
CA LEU A 205 -23.76 0.95 -25.57
C LEU A 205 -22.45 0.84 -26.33
N LYS A 206 -22.03 -0.39 -26.59
CA LYS A 206 -20.87 -0.67 -27.43
C LYS A 206 -21.00 -2.06 -28.03
N GLU A 207 -20.19 -2.33 -29.05
CA GLU A 207 -20.19 -3.63 -29.70
C GLU A 207 -19.50 -4.64 -28.79
N LYS A 208 -19.91 -5.91 -28.89
CA LYS A 208 -19.33 -6.95 -28.04
C LYS A 208 -17.87 -7.21 -28.47
N GLY A 209 -16.97 -7.23 -27.49
CA GLY A 209 -15.56 -7.48 -27.76
C GLY A 209 -14.71 -6.23 -27.94
N ASP A 210 -15.37 -5.08 -28.00
CA ASP A 210 -14.69 -3.80 -28.10
C ASP A 210 -14.16 -3.38 -26.69
N PRO A 211 -12.82 -3.27 -26.53
CA PRO A 211 -12.24 -3.11 -25.19
C PRO A 211 -12.12 -1.65 -24.72
N LEU A 212 -12.75 -0.72 -25.44
CA LEU A 212 -12.77 0.68 -25.02
C LEU A 212 -14.01 1.03 -24.18
N GLY A 213 -13.79 1.83 -23.15
CA GLY A 213 -14.89 2.34 -22.35
C GLY A 213 -14.48 3.65 -21.70
N GLY A 214 -15.33 4.19 -20.84
CA GLY A 214 -14.98 5.42 -20.17
C GLY A 214 -16.10 6.12 -19.46
N ARG A 215 -15.78 7.29 -18.93
CA ARG A 215 -16.71 8.14 -18.22
C ARG A 215 -16.48 9.57 -18.64
N VAL A 216 -17.59 10.29 -18.81
CA VAL A 216 -17.56 11.73 -19.01
C VAL A 216 -18.49 12.36 -17.97
N TYR A 217 -17.95 13.36 -17.26
CA TYR A 217 -18.67 14.12 -16.28
C TYR A 217 -18.95 15.47 -16.89
N PHE A 218 -20.23 15.81 -16.97
CA PHE A 218 -20.65 17.08 -17.52
C PHE A 218 -20.73 18.10 -16.40
N VAL A 219 -19.73 18.96 -16.36
CA VAL A 219 -19.57 19.92 -15.28
C VAL A 219 -19.57 21.36 -15.78
N SER A 220 -20.06 22.25 -14.93
CA SER A 220 -19.98 23.69 -15.16
C SER A 220 -18.57 24.18 -14.81
N ARG A 221 -17.94 24.91 -15.74
CA ARG A 221 -16.56 25.39 -15.55
C ARG A 221 -16.40 26.20 -14.28
N LYS A 222 -17.38 27.06 -14.00
CA LYS A 222 -17.35 27.92 -12.83
C LYS A 222 -17.26 27.14 -11.52
N GLU A 223 -17.45 25.83 -11.60
CA GLU A 223 -17.47 25.00 -10.41
C GLU A 223 -16.37 23.95 -10.39
N LEU A 224 -15.59 23.91 -11.48
CA LEU A 224 -14.52 22.93 -11.63
C LEU A 224 -13.70 22.59 -10.36
N SER A 225 -13.17 23.61 -9.68
CA SER A 225 -12.27 23.40 -8.54
C SER A 225 -12.95 22.60 -7.43
N GLU A 226 -14.13 23.06 -7.02
CA GLU A 226 -14.88 22.48 -5.93
C GLU A 226 -15.26 21.06 -6.31
N ILE A 227 -15.62 20.87 -7.57
CA ILE A 227 -16.01 19.56 -8.04
C ILE A 227 -14.81 18.62 -7.97
N ILE A 228 -13.67 19.07 -8.46
CA ILE A 228 -12.51 18.20 -8.42
C ILE A 228 -12.17 17.90 -6.97
N GLU A 229 -12.32 18.90 -6.12
CA GLU A 229 -12.03 18.72 -4.69
C GLU A 229 -12.95 17.68 -4.10
N CYS A 230 -14.24 17.77 -4.40
CA CYS A 230 -15.23 16.86 -3.83
C CYS A 230 -14.99 15.44 -4.32
N LEU A 231 -14.85 15.30 -5.64
CA LEU A 231 -14.60 14.02 -6.28
C LEU A 231 -13.45 13.23 -5.64
N THR A 232 -12.35 13.93 -5.35
CA THR A 232 -11.13 13.28 -4.91
C THR A 232 -10.96 13.22 -3.38
N GLN A 233 -11.74 14.00 -2.63
CA GLN A 233 -11.40 14.20 -1.22
C GLN A 233 -12.51 14.04 -0.20
N LYS A 234 -13.76 14.32 -0.59
CA LYS A 234 -14.89 14.23 0.34
C LYS A 234 -15.29 12.78 0.54
N VAL A 235 -15.40 12.38 1.81
CA VAL A 235 -15.76 11.00 2.14
C VAL A 235 -17.28 10.90 2.25
N VAL A 236 -17.88 10.01 1.46
CA VAL A 236 -19.34 9.95 1.39
C VAL A 236 -19.84 8.52 1.55
N LEU A 237 -20.74 8.31 2.53
CA LEU A 237 -21.38 7.02 2.73
C LEU A 237 -22.80 7.14 2.26
N ILE A 238 -23.21 6.25 1.38
CA ILE A 238 -24.51 6.33 0.74
C ILE A 238 -25.46 5.34 1.40
N GLU A 239 -26.66 5.82 1.73
CA GLU A 239 -27.65 5.06 2.51
C GLU A 239 -28.90 4.84 1.67
N LEU A 240 -29.47 3.64 1.75
CA LEU A 240 -30.54 3.22 0.83
C LEU A 240 -31.91 3.79 1.16
N ASP B 2 4.67 -21.15 -5.04
CA ASP B 2 4.38 -19.70 -5.26
C ASP B 2 4.53 -18.84 -4.01
N LEU B 3 5.46 -17.87 -4.04
CA LEU B 3 5.79 -17.04 -2.86
C LEU B 3 5.43 -15.57 -2.97
N PHE B 4 5.01 -15.01 -1.83
CA PHE B 4 4.65 -13.60 -1.74
C PHE B 4 5.34 -12.90 -0.59
N SER B 5 5.82 -11.71 -0.90
CA SER B 5 6.35 -10.77 0.07
C SER B 5 5.23 -9.84 0.51
N VAL B 6 4.93 -9.84 1.81
CA VAL B 6 3.90 -8.97 2.37
C VAL B 6 4.56 -7.94 3.28
N ARG B 7 4.50 -6.68 2.87
CA ARG B 7 5.17 -5.60 3.58
C ARG B 7 4.22 -4.55 4.14
N MET B 8 4.09 -4.52 5.46
CA MET B 8 3.24 -3.55 6.13
C MET B 8 4.08 -2.46 6.80
N ARG B 9 3.61 -1.23 6.71
CA ARG B 9 4.11 -0.10 7.51
C ARG B 9 2.89 0.71 7.99
N ALA B 10 2.93 1.21 9.21
CA ALA B 10 1.83 2.01 9.75
C ALA B 10 2.31 3.27 10.48
N GLN B 11 1.40 4.24 10.60
CA GLN B 11 1.69 5.51 11.27
C GLN B 11 0.55 6.00 12.18
N LYS B 12 0.90 6.85 13.14
CA LYS B 12 -0.07 7.69 13.80
C LYS B 12 0.50 9.10 13.86
N ASN B 13 -0.37 10.07 13.56
CA ASN B 13 0.04 11.48 13.39
C ASN B 13 1.34 11.67 12.60
N GLY B 14 1.39 11.12 11.40
CA GLY B 14 2.55 11.27 10.51
C GLY B 14 3.84 10.61 11.02
N LYS B 15 3.74 9.80 12.08
CA LYS B 15 4.92 9.15 12.67
C LYS B 15 4.84 7.62 12.65
N HIS B 16 5.94 6.99 12.27
CA HIS B 16 6.04 5.53 12.15
C HIS B 16 5.82 4.82 13.47
N VAL B 17 4.83 3.95 13.52
CA VAL B 17 4.51 3.24 14.77
C VAL B 17 4.68 1.72 14.70
N SER B 18 4.73 1.16 13.49
CA SER B 18 4.79 -0.29 13.32
C SER B 18 5.18 -0.65 11.90
N GLY B 19 5.68 -1.87 11.74
CA GLY B 19 6.17 -2.33 10.45
C GLY B 19 6.69 -3.74 10.53
N ALA B 20 6.33 -4.56 9.56
CA ALA B 20 6.79 -5.94 9.55
C ALA B 20 6.79 -6.43 8.11
N GLU B 21 7.40 -7.60 7.90
CA GLU B 21 7.41 -8.22 6.59
C GLU B 21 7.28 -9.73 6.77
N ARG B 22 6.42 -10.34 5.97
CA ARG B 22 6.32 -11.81 5.93
C ARG B 22 6.45 -12.32 4.50
N ILE B 23 7.15 -13.44 4.32
CA ILE B 23 7.21 -14.09 3.02
C ILE B 23 6.60 -15.48 3.12
N VAL B 24 5.48 -15.67 2.44
CA VAL B 24 4.67 -16.89 2.61
C VAL B 24 4.20 -17.46 1.28
N LYS B 25 3.73 -18.71 1.32
CA LYS B 25 3.09 -19.35 0.16
C LYS B 25 1.65 -18.87 0.04
N LYS B 26 1.09 -18.89 -1.17
CA LYS B 26 -0.23 -18.29 -1.44
C LYS B 26 -1.33 -18.70 -0.46
N GLU B 27 -1.37 -19.98 -0.08
CA GLU B 27 -2.41 -20.47 0.83
C GLU B 27 -2.19 -19.97 2.26
N GLU B 28 -1.13 -19.19 2.46
CA GLU B 28 -0.78 -18.67 3.78
C GLU B 28 -0.86 -17.14 3.75
N LEU B 29 -1.07 -16.58 2.56
CA LEU B 29 -1.10 -15.14 2.30
C LEU B 29 -2.14 -14.35 3.12
N GLU B 30 -3.37 -14.87 3.19
CA GLU B 30 -4.41 -14.19 3.94
C GLU B 30 -4.08 -14.12 5.41
N THR B 31 -3.48 -15.20 5.93
CA THR B 31 -3.06 -15.28 7.33
C THR B 31 -1.98 -14.23 7.64
N ALA B 32 -1.07 -14.04 6.67
CA ALA B 32 0.01 -13.08 6.80
C ALA B 32 -0.55 -11.67 6.78
N VAL B 33 -1.42 -11.38 5.79
CA VAL B 33 -2.00 -10.04 5.67
C VAL B 33 -2.85 -9.71 6.90
N LYS B 34 -3.59 -10.70 7.38
CA LYS B 34 -4.35 -10.56 8.62
C LYS B 34 -3.48 -10.22 9.81
N GLU B 35 -2.39 -10.95 9.98
CA GLU B 35 -1.51 -10.75 11.13
C GLU B 35 -0.95 -9.33 11.14
N LEU B 36 -0.52 -8.86 9.97
CA LEU B 36 0.07 -7.54 9.90
C LEU B 36 -0.95 -6.44 10.13
N LEU B 37 -2.15 -6.63 9.59
CA LEU B 37 -3.20 -5.63 9.77
C LEU B 37 -3.50 -5.41 11.24
N ASN B 38 -3.38 -6.48 12.03
CA ASN B 38 -3.69 -6.45 13.46
C ASN B 38 -2.52 -6.14 14.37
N ARG B 39 -1.34 -6.10 13.79
CA ARG B 39 -0.11 -5.91 14.56
C ARG B 39 0.00 -4.55 15.29
N PRO B 40 -0.15 -3.42 14.57
CA PRO B 40 0.01 -2.16 15.28
C PRO B 40 -1.10 -1.95 16.30
N LYS B 41 -0.73 -1.39 17.44
CA LYS B 41 -1.62 -1.24 18.58
C LYS B 41 -2.75 -0.29 18.19
N GLU B 42 -2.35 0.83 17.58
CA GLU B 42 -3.23 1.90 17.15
C GLU B 42 -2.59 2.60 15.95
N PHE B 43 -3.39 3.03 14.97
CA PHE B 43 -2.86 3.71 13.76
C PHE B 43 -3.92 4.56 13.05
N ASP B 44 -3.49 5.66 12.42
CA ASP B 44 -4.40 6.41 11.57
C ASP B 44 -4.05 6.21 10.09
N PHE B 45 -2.93 5.55 9.80
CA PHE B 45 -2.56 5.21 8.40
C PHE B 45 -1.73 3.93 8.26
N MET B 46 -2.10 3.09 7.29
CA MET B 46 -1.40 1.83 7.00
C MET B 46 -1.27 1.52 5.50
N ASN B 47 -0.11 1.00 5.10
CA ASN B 47 0.07 0.49 3.75
C ASN B 47 0.58 -0.94 3.73
N VAL B 48 -0.18 -1.84 3.11
CA VAL B 48 0.26 -3.21 2.87
C VAL B 48 0.66 -3.40 1.40
N LYS B 49 1.90 -3.84 1.19
CA LYS B 49 2.44 -4.06 -0.14
C LYS B 49 2.66 -5.56 -0.36
N VAL B 50 1.80 -6.18 -1.16
CA VAL B 50 1.95 -7.59 -1.53
C VAL B 50 2.63 -7.75 -2.89
N GLU B 51 3.74 -8.49 -2.92
CA GLU B 51 4.53 -8.69 -4.14
C GLU B 51 4.91 -10.17 -4.37
N LYS B 52 4.53 -10.71 -5.53
CA LYS B 52 4.91 -12.07 -5.93
C LYS B 52 6.42 -12.15 -6.10
N VAL B 53 7.01 -13.23 -5.60
CA VAL B 53 8.46 -13.40 -5.63
C VAL B 53 8.91 -14.10 -6.91
N LYS B 54 9.82 -13.45 -7.63
CA LYS B 54 10.48 -14.06 -8.78
C LYS B 54 11.55 -15.07 -8.33
N ASP B 55 12.68 -14.56 -7.85
CA ASP B 55 13.81 -15.40 -7.44
C ASP B 55 14.10 -15.33 -5.95
N PHE B 56 14.41 -16.47 -5.36
CA PHE B 56 14.75 -16.53 -3.95
C PHE B 56 15.77 -17.62 -3.61
N GLU B 57 16.51 -17.42 -2.51
CA GLU B 57 17.42 -18.43 -1.98
C GLU B 57 17.02 -18.86 -0.55
N VAL B 58 17.21 -20.14 -0.25
CA VAL B 58 17.02 -20.67 1.10
C VAL B 58 18.38 -20.95 1.75
N VAL B 59 18.68 -20.23 2.84
CA VAL B 59 19.94 -20.37 3.56
C VAL B 59 19.75 -21.09 4.90
N LYS B 60 20.79 -21.78 5.36
CA LYS B 60 20.75 -22.49 6.63
C LYS B 60 21.27 -21.59 7.75
N PHE B 61 20.44 -21.38 8.77
CA PHE B 61 20.84 -20.61 9.95
C PHE B 61 21.91 -21.35 10.72
N ASN B 62 22.99 -20.66 11.07
CA ASN B 62 24.12 -21.34 11.71
C ASN B 62 24.88 -20.52 12.75
N LEU B 63 24.29 -19.41 13.19
CA LEU B 63 24.91 -18.63 14.26
C LEU B 63 24.64 -19.26 15.62
N LYS B 64 25.64 -19.21 16.50
CA LYS B 64 25.44 -19.55 17.89
C LYS B 64 24.99 -18.27 18.59
N ILE B 65 23.99 -18.38 19.48
CA ILE B 65 23.52 -17.24 20.28
C ILE B 65 24.14 -17.25 21.68
N SER B 66 24.60 -16.08 22.13
CA SER B 66 25.00 -15.92 23.53
C SER B 66 24.33 -14.69 24.18
N THR B 67 24.55 -14.52 25.49
CA THR B 67 23.87 -13.47 26.26
C THR B 67 24.76 -12.93 27.40
N TYR B 68 24.87 -11.60 27.49
CA TYR B 68 25.63 -11.00 28.58
C TYR B 68 24.86 -9.87 29.27
N SER B 69 24.92 -9.86 30.60
CA SER B 69 24.34 -8.81 31.45
C SER B 69 25.42 -8.00 32.14
N PHE B 70 25.31 -6.68 32.10
CA PHE B 70 26.25 -5.81 32.79
C PHE B 70 25.55 -4.85 33.73
N LYS B 71 26.35 -4.11 34.50
CA LYS B 71 25.82 -3.23 35.55
C LYS B 71 25.36 -1.89 34.97
N SER B 72 25.98 -1.47 33.87
CA SER B 72 25.73 -0.16 33.27
C SER B 72 25.94 -0.20 31.76
N PRO B 73 25.36 0.76 31.03
CA PRO B 73 25.56 0.89 29.58
C PRO B 73 27.04 0.97 29.14
N GLU B 74 27.89 1.65 29.92
CA GLU B 74 29.31 1.83 29.56
C GLU B 74 30.03 0.49 29.51
N GLU B 75 29.84 -0.30 30.56
CA GLU B 75 30.39 -1.64 30.66
C GLU B 75 29.91 -2.47 29.47
N ALA B 76 28.62 -2.38 29.19
CA ALA B 76 27.99 -3.09 28.09
C ALA B 76 28.61 -2.66 26.76
N ARG B 77 28.77 -1.34 26.59
CA ARG B 77 29.32 -0.75 25.37
C ARG B 77 30.78 -1.14 25.16
N GLU B 78 31.52 -1.27 26.27
CA GLU B 78 32.92 -1.69 26.24
C GLU B 78 33.04 -3.13 25.75
N PHE B 79 32.14 -3.99 26.23
CA PHE B 79 32.06 -5.37 25.78
C PHE B 79 31.65 -5.46 24.31
N ALA B 80 30.68 -4.63 23.93
CA ALA B 80 30.24 -4.55 22.54
C ALA B 80 31.46 -4.36 21.64
N VAL B 81 32.30 -3.38 21.99
CA VAL B 81 33.52 -3.08 21.24
C VAL B 81 34.48 -4.27 21.23
N LYS B 82 34.80 -4.81 22.39
CA LYS B 82 35.68 -5.97 22.45
C LYS B 82 35.31 -7.08 21.46
N LYS B 83 34.04 -7.48 21.43
CA LYS B 83 33.62 -8.57 20.53
C LYS B 83 33.70 -8.16 19.07
N LEU B 84 33.42 -6.89 18.78
CA LEU B 84 33.55 -6.37 17.42
C LEU B 84 34.98 -6.52 16.92
N THR B 85 35.95 -6.28 17.80
CA THR B 85 37.37 -6.49 17.47
C THR B 85 37.69 -7.97 17.20
N GLN B 86 37.05 -8.88 17.92
CA GLN B 86 37.22 -10.33 17.66
C GLN B 86 36.73 -10.73 16.27
N GLU B 87 36.23 -9.75 15.49
CA GLU B 87 35.86 -9.96 14.08
C GLU B 87 36.85 -9.27 13.13
N GLY B 88 37.90 -8.68 13.72
CA GLY B 88 38.95 -8.03 12.95
C GLY B 88 38.90 -6.51 13.01
N ILE B 89 37.73 -5.96 13.32
CA ILE B 89 37.51 -4.52 13.33
C ILE B 89 38.48 -3.80 14.26
N LYS B 90 39.00 -2.66 13.80
CA LYS B 90 39.90 -1.84 14.60
C LYS B 90 39.12 -1.21 15.76
N GLU B 91 39.74 -1.19 16.93
CA GLU B 91 39.11 -0.73 18.17
C GLU B 91 38.54 0.69 18.11
N GLU B 92 39.00 1.48 17.13
CA GLU B 92 38.56 2.88 17.02
C GLU B 92 37.36 3.06 16.09
N VAL B 93 37.25 2.18 15.10
CA VAL B 93 36.06 2.10 14.24
C VAL B 93 34.86 1.79 15.13
N ALA B 94 35.00 0.72 15.92
CA ALA B 94 33.98 0.24 16.83
C ALA B 94 33.46 1.33 17.75
N LYS B 95 34.38 2.03 18.42
CA LYS B 95 34.01 3.13 19.32
C LYS B 95 33.29 4.24 18.55
N LYS B 96 33.67 4.39 17.28
CA LYS B 96 33.08 5.39 16.37
C LYS B 96 31.62 5.02 16.10
N ALA B 97 31.38 3.75 15.79
CA ALA B 97 30.04 3.19 15.62
C ALA B 97 29.16 3.40 16.86
N VAL B 98 29.73 3.17 18.04
CA VAL B 98 29.03 3.38 19.32
C VAL B 98 28.73 4.87 19.53
N GLU B 99 29.75 5.70 19.26
CA GLU B 99 29.67 7.16 19.42
C GLU B 99 28.47 7.75 18.67
N ILE B 100 28.34 7.39 17.39
CA ILE B 100 27.21 7.82 16.56
C ILE B 100 25.86 7.45 17.20
N LEU B 101 25.68 6.15 17.52
CA LEU B 101 24.38 5.66 17.98
C LEU B 101 23.92 6.28 19.28
N SER B 102 24.87 6.55 20.18
CA SER B 102 24.58 7.16 21.49
C SER B 102 24.27 8.66 21.40
N LYS B 103 24.95 9.34 20.48
CA LYS B 103 24.79 10.78 20.29
C LYS B 103 23.66 11.13 19.30
N GLY B 104 23.16 10.14 18.57
CA GLY B 104 22.11 10.33 17.57
C GLY B 104 22.63 10.05 16.18
N ALA B 105 22.09 9.02 15.54
CA ALA B 105 22.61 8.55 14.26
C ALA B 105 22.24 9.47 13.09
N ASN B 106 21.05 10.06 13.16
CA ASN B 106 20.59 11.02 12.17
C ASN B 106 21.20 12.39 12.46
N PRO B 107 21.97 12.97 11.49
CA PRO B 107 22.67 14.22 11.75
C PRO B 107 21.72 15.32 12.20
N LYS B 108 20.56 15.42 11.55
CA LYS B 108 19.54 16.41 11.93
C LYS B 108 18.88 16.12 13.28
N GLY B 109 19.12 14.93 13.83
CA GLY B 109 18.58 14.54 15.13
C GLY B 109 17.61 13.38 15.06
N GLY B 110 17.36 12.74 16.21
CA GLY B 110 16.48 11.57 16.28
C GLY B 110 17.09 10.32 15.65
N ASN B 111 16.22 9.46 15.12
CA ASN B 111 16.66 8.18 14.58
C ASN B 111 16.53 8.04 13.07
N MET B 112 17.47 7.29 12.48
CA MET B 112 17.38 6.88 11.07
C MET B 112 16.33 5.79 10.95
N ARG B 113 15.67 5.70 9.80
CA ARG B 113 14.73 4.61 9.57
C ARG B 113 15.50 3.35 9.16
N GLY B 114 16.80 3.51 8.91
CA GLY B 114 17.65 2.41 8.48
C GLY B 114 19.05 2.38 9.07
N ALA B 115 19.93 1.60 8.45
CA ALA B 115 21.25 1.32 9.01
C ALA B 115 22.35 2.16 8.40
N VAL B 116 23.34 2.50 9.22
CA VAL B 116 24.60 3.12 8.79
C VAL B 116 25.47 2.07 8.09
N LEU B 117 26.07 2.45 6.97
CA LEU B 117 27.18 1.69 6.40
C LEU B 117 28.47 2.30 6.92
N MET B 118 29.32 1.49 7.53
CA MET B 118 30.60 1.96 8.04
C MET B 118 31.74 1.19 7.38
N ASP B 119 32.78 1.91 6.99
CA ASP B 119 33.96 1.29 6.39
C ASP B 119 34.79 0.62 7.48
N ILE B 120 35.06 -0.67 7.29
CA ILE B 120 35.86 -1.46 8.24
C ILE B 120 37.22 -0.81 8.55
N GLU B 121 37.75 -0.07 7.57
CA GLU B 121 39.04 0.63 7.70
C GLU B 121 38.92 2.09 8.16
N THR B 122 38.39 2.97 7.32
CA THR B 122 38.31 4.41 7.65
C THR B 122 37.42 4.66 8.86
N GLY B 123 36.30 3.93 8.93
CA GLY B 123 35.30 4.16 9.98
C GLY B 123 34.48 5.39 9.69
N GLU B 124 34.10 5.55 8.42
CA GLU B 124 33.30 6.69 8.00
C GLU B 124 32.04 6.23 7.29
N ARG B 125 30.98 7.01 7.51
CA ARG B 125 29.65 6.70 7.01
C ARG B 125 29.56 6.73 5.49
N LEU B 126 29.28 5.57 4.89
CA LEU B 126 29.22 5.40 3.44
C LEU B 126 27.79 5.37 2.89
N GLU B 127 26.81 5.57 3.76
CA GLU B 127 25.41 5.44 3.35
C GLU B 127 24.98 6.54 2.39
N GLU B 128 24.27 6.14 1.34
CA GLU B 128 23.63 7.06 0.39
C GLU B 128 23.12 8.32 1.08
N ASP B 129 22.29 8.14 2.11
CA ASP B 129 21.71 9.23 2.86
C ASP B 129 22.03 9.01 4.33
N LYS B 130 22.69 9.99 4.97
CA LYS B 130 22.96 9.91 6.41
C LYS B 130 21.66 10.09 7.21
N GLU B 131 20.58 10.43 6.52
CA GLU B 131 19.29 10.63 7.15
C GLU B 131 18.43 9.35 7.22
N ARG B 132 18.52 8.51 6.19
CA ARG B 132 17.76 7.25 6.13
C ARG B 132 18.67 6.03 6.31
N GLY B 133 19.66 5.88 5.44
CA GLY B 133 20.55 4.73 5.45
C GLY B 133 19.94 3.58 4.70
N VAL B 134 20.59 2.42 4.76
CA VAL B 134 20.10 1.22 4.10
C VAL B 134 18.98 0.60 4.93
N ARG B 135 18.06 -0.07 4.26
CA ARG B 135 17.05 -0.89 4.89
C ARG B 135 17.12 -2.31 4.33
N THR B 136 17.54 -3.24 5.18
CA THR B 136 17.55 -4.67 4.88
C THR B 136 16.12 -5.13 4.79
N ILE B 137 15.73 -5.71 3.65
CA ILE B 137 14.36 -6.18 3.48
C ILE B 137 14.32 -7.52 2.77
N HIS B 138 13.14 -8.00 2.43
CA HIS B 138 12.97 -9.24 1.66
C HIS B 138 13.64 -10.45 2.28
N PHE B 139 13.53 -10.58 3.59
CA PHE B 139 14.02 -11.76 4.32
C PHE B 139 12.91 -12.27 5.22
N ASP B 140 12.91 -13.55 5.53
CA ASP B 140 11.95 -14.12 6.47
C ASP B 140 12.38 -15.51 6.88
N TRP B 141 11.99 -15.92 8.09
CA TRP B 141 12.16 -17.30 8.52
C TRP B 141 11.30 -18.17 7.60
N LYS B 142 11.86 -19.26 7.11
CA LYS B 142 11.11 -20.20 6.26
C LYS B 142 9.92 -20.79 7.01
N ASP B 143 10.09 -21.07 8.30
CA ASP B 143 8.98 -21.50 9.11
C ASP B 143 8.87 -20.62 10.35
N ARG B 144 8.29 -19.43 10.17
CA ARG B 144 8.25 -18.45 11.25
C ARG B 144 7.52 -18.94 12.49
N LYS B 145 6.40 -19.61 12.32
CA LYS B 145 5.59 -20.07 13.46
C LYS B 145 6.34 -21.06 14.35
N LYS B 146 7.14 -21.94 13.74
CA LYS B 146 7.95 -22.90 14.50
C LYS B 146 9.14 -22.25 15.19
N VAL B 147 9.89 -21.42 14.43
CA VAL B 147 11.02 -20.64 14.96
C VAL B 147 10.63 -19.80 16.19
N THR B 148 9.47 -19.16 16.10
CA THR B 148 8.97 -18.31 17.18
C THR B 148 8.69 -19.09 18.47
N GLU B 149 8.15 -20.30 18.34
CA GLU B 149 7.90 -21.16 19.50
C GLU B 149 9.20 -21.64 20.13
N LYS B 150 10.07 -22.25 19.31
CA LYS B 150 11.37 -22.77 19.77
C LYS B 150 12.14 -21.71 20.54
N LEU B 151 12.36 -20.56 19.91
CA LEU B 151 13.11 -19.47 20.52
C LEU B 151 12.46 -18.90 21.77
N LEU B 152 11.14 -18.71 21.73
CA LEU B 152 10.44 -18.14 22.88
C LEU B 152 10.59 -19.02 24.12
N LYS B 153 10.42 -20.33 23.96
CA LYS B 153 10.53 -21.25 25.08
C LYS B 153 11.97 -21.29 25.63
N GLU B 154 12.94 -21.10 24.73
CA GLU B 154 14.36 -21.02 25.10
C GLU B 154 14.73 -19.78 25.92
N GLY B 155 13.76 -18.89 26.15
CA GLY B 155 13.97 -17.70 26.98
C GLY B 155 14.10 -16.36 26.26
N TYR B 156 13.88 -16.34 24.94
CA TYR B 156 14.04 -15.14 24.13
C TYR B 156 12.73 -14.37 23.96
N THR B 157 12.83 -13.20 23.31
CA THR B 157 11.65 -12.36 23.06
C THR B 157 11.25 -12.38 21.59
N LEU B 158 10.09 -11.78 21.28
CA LEU B 158 9.65 -11.59 19.90
C LEU B 158 10.62 -10.73 19.08
N ARG B 159 11.30 -9.79 19.75
CA ARG B 159 12.30 -8.95 19.08
C ARG B 159 13.49 -9.79 18.65
N THR B 160 13.88 -10.75 19.49
CA THR B 160 14.96 -11.69 19.16
C THR B 160 14.65 -12.41 17.85
N VAL B 161 13.44 -12.95 17.74
CA VAL B 161 12.98 -13.62 16.52
C VAL B 161 13.26 -12.77 15.27
N ASP B 162 12.85 -11.50 15.32
CA ASP B 162 13.00 -10.59 14.18
C ASP B 162 14.43 -10.16 13.94
N ALA B 163 15.10 -9.78 15.03
CA ALA B 163 16.47 -9.29 14.97
C ALA B 163 17.42 -10.33 14.40
N LEU B 164 17.27 -11.59 14.85
CA LEU B 164 18.07 -12.69 14.35
C LEU B 164 17.98 -12.84 12.83
N ALA B 165 16.75 -12.90 12.33
CA ALA B 165 16.49 -13.07 10.89
C ALA B 165 17.13 -11.94 10.13
N LEU B 166 16.94 -10.73 10.64
CA LEU B 166 17.51 -9.53 10.07
C LEU B 166 19.05 -9.61 9.98
N THR B 167 19.77 -9.77 11.10
CA THR B 167 21.26 -9.90 11.06
C THR B 167 21.74 -11.04 10.21
N PHE B 168 21.04 -12.17 10.25
CA PHE B 168 21.49 -13.29 9.48
C PHE B 168 21.51 -12.94 8.00
N LYS B 169 20.48 -12.22 7.54
CA LYS B 169 20.49 -11.75 6.17
C LYS B 169 21.66 -10.81 5.95
N ASN B 170 21.84 -9.86 6.87
CA ASN B 170 22.94 -8.93 6.76
C ASN B 170 24.28 -9.65 6.59
N LEU B 171 24.52 -10.67 7.41
CA LEU B 171 25.76 -11.43 7.38
C LEU B 171 25.92 -12.25 6.10
N PHE B 172 24.86 -12.97 5.73
CA PHE B 172 24.81 -13.66 4.45
C PHE B 172 25.08 -12.70 3.29
N CYS B 173 24.67 -11.45 3.44
CA CYS B 173 24.82 -10.45 2.36
C CYS B 173 26.20 -9.80 2.27
N GLY B 174 27.13 -10.23 3.13
CA GLY B 174 28.50 -9.76 3.07
C GLY B 174 28.83 -8.65 4.04
N VAL B 175 27.90 -8.32 4.93
CA VAL B 175 28.22 -7.45 6.07
C VAL B 175 29.13 -8.28 6.98
N VAL B 176 30.20 -7.65 7.45
CA VAL B 176 31.20 -8.36 8.25
C VAL B 176 30.67 -8.52 9.68
N ALA B 177 30.28 -7.41 10.27
CA ALA B 177 29.76 -7.39 11.62
C ALA B 177 28.71 -6.31 11.77
N GLU B 178 27.83 -6.49 12.76
CA GLU B 178 26.77 -5.52 13.03
C GLU B 178 26.76 -5.09 14.50
N LEU B 179 26.50 -3.81 14.72
CA LEU B 179 26.18 -3.30 16.04
C LEU B 179 24.76 -2.77 15.96
N CYS B 180 23.96 -3.03 16.99
CA CYS B 180 22.55 -2.63 16.97
C CYS B 180 21.96 -2.53 18.38
N TRP B 181 21.13 -1.51 18.60
CA TRP B 181 20.20 -1.51 19.72
C TRP B 181 18.92 -0.73 19.40
N SER B 182 17.81 -1.14 20.01
CA SER B 182 16.46 -0.65 19.69
C SER B 182 16.29 0.84 20.01
N ASP B 183 15.42 1.50 19.25
CA ASP B 183 15.10 2.89 19.56
C ASP B 183 14.04 3.01 20.65
N ASP B 184 13.28 1.93 20.85
CA ASP B 184 12.37 1.77 21.98
C ASP B 184 13.06 2.16 23.30
N PRO B 185 12.45 3.07 24.08
CA PRO B 185 13.11 3.52 25.32
C PRO B 185 13.06 2.50 26.45
N ASP B 186 12.32 1.42 26.24
CA ASP B 186 12.13 0.39 27.27
C ASP B 186 12.85 -0.93 27.01
N TYR B 187 13.26 -1.16 25.76
CA TYR B 187 13.97 -2.39 25.43
C TYR B 187 15.48 -2.15 25.37
N VAL B 188 16.16 -2.44 26.48
CA VAL B 188 17.57 -2.05 26.64
C VAL B 188 18.58 -3.12 26.23
N THR B 189 18.07 -4.25 25.72
CA THR B 189 18.94 -5.30 25.18
C THR B 189 19.22 -5.06 23.71
N GLY B 190 20.50 -4.98 23.38
CA GLY B 190 20.94 -4.92 22.00
C GLY B 190 21.85 -6.08 21.63
N TYR B 191 22.65 -5.89 20.59
CA TYR B 191 23.54 -6.94 20.17
C TYR B 191 24.65 -6.48 19.26
N VAL B 192 25.55 -7.41 19.00
CA VAL B 192 26.62 -7.28 18.06
C VAL B 192 26.65 -8.67 17.45
N SER B 193 26.97 -8.77 16.15
CA SER B 193 27.00 -10.08 15.50
C SER B 193 28.08 -10.22 14.43
N GLY B 194 28.34 -11.45 14.00
CA GLY B 194 29.31 -11.73 12.96
C GLY B 194 29.43 -13.24 12.79
N LYS B 195 30.09 -13.66 11.71
CA LYS B 195 30.21 -15.09 11.39
C LYS B 195 30.99 -15.86 12.45
N GLU B 196 31.97 -15.19 13.07
CA GLU B 196 32.81 -15.78 14.12
C GLU B 196 32.16 -15.70 15.51
N ILE B 197 31.80 -14.50 15.95
CA ILE B 197 31.26 -14.28 17.29
C ILE B 197 29.81 -14.73 17.47
N GLY B 198 29.13 -14.97 16.36
CA GLY B 198 27.71 -15.35 16.39
C GLY B 198 26.83 -14.15 16.64
N TYR B 199 25.66 -14.39 17.22
CA TYR B 199 24.74 -13.33 17.61
C TYR B 199 24.89 -13.14 19.11
N VAL B 200 25.50 -12.02 19.50
CA VAL B 200 25.84 -11.77 20.91
C VAL B 200 24.92 -10.73 21.53
N ARG B 201 23.95 -11.19 22.33
CA ARG B 201 23.02 -10.31 23.04
C ARG B 201 23.71 -9.64 24.22
N ILE B 202 23.49 -8.33 24.36
CA ILE B 202 24.10 -7.56 25.44
C ILE B 202 23.09 -6.62 26.09
N THR B 203 23.19 -6.47 27.42
CA THR B 203 22.30 -5.60 28.21
C THR B 203 23.10 -4.96 29.36
N PRO B 204 22.81 -3.69 29.69
CA PRO B 204 21.97 -2.78 28.94
C PRO B 204 22.84 -1.91 28.03
N LEU B 205 22.60 -1.98 26.73
CA LEU B 205 23.34 -1.19 25.76
C LEU B 205 22.89 0.28 25.68
N LYS B 206 22.00 0.68 26.58
CA LYS B 206 21.52 2.06 26.65
C LYS B 206 20.68 2.28 27.91
N GLU B 207 20.55 3.54 28.30
CA GLU B 207 19.83 3.88 29.52
C GLU B 207 18.33 3.72 29.29
N LYS B 208 17.64 3.04 30.21
CA LYS B 208 16.20 2.90 30.12
C LYS B 208 15.57 4.28 30.05
N GLY B 209 14.85 4.55 28.97
CA GLY B 209 14.27 5.87 28.76
C GLY B 209 14.87 6.61 27.57
N ASP B 210 16.13 6.32 27.26
CA ASP B 210 16.79 6.87 26.06
C ASP B 210 16.03 6.42 24.80
N PRO B 211 15.52 7.39 24.01
CA PRO B 211 14.73 7.05 22.82
C PRO B 211 15.58 6.95 21.55
N LEU B 212 16.89 7.12 21.69
CA LEU B 212 17.82 6.91 20.58
C LEU B 212 18.16 5.43 20.41
N GLY B 213 18.13 4.95 19.17
CA GLY B 213 18.58 3.62 18.81
C GLY B 213 19.34 3.70 17.51
N GLY B 214 19.59 2.56 16.88
CA GLY B 214 20.27 2.53 15.58
C GLY B 214 20.96 1.23 15.23
N ARG B 215 21.47 1.17 14.00
CA ARG B 215 22.12 -0.03 13.49
C ARG B 215 23.32 0.39 12.63
N VAL B 216 24.47 -0.25 12.83
CA VAL B 216 25.68 0.03 12.04
C VAL B 216 26.18 -1.26 11.39
N TYR B 217 26.13 -1.31 10.07
CA TYR B 217 26.66 -2.45 9.32
C TYR B 217 28.10 -2.18 8.95
N PHE B 218 29.00 -3.12 9.27
CA PHE B 218 30.42 -2.96 8.99
C PHE B 218 30.79 -3.59 7.64
N VAL B 219 31.09 -2.71 6.68
CA VAL B 219 31.23 -3.12 5.27
C VAL B 219 32.59 -2.75 4.65
N SER B 220 33.02 -3.57 3.68
CA SER B 220 34.19 -3.30 2.86
C SER B 220 33.80 -2.48 1.62
N ARG B 221 34.21 -1.22 1.58
CA ARG B 221 33.85 -0.24 0.54
C ARG B 221 33.99 -0.74 -0.90
N LYS B 222 34.84 -1.74 -1.12
CA LYS B 222 35.05 -2.33 -2.45
C LYS B 222 34.01 -3.40 -2.79
N GLU B 223 32.95 -3.48 -2.00
CA GLU B 223 31.83 -4.40 -2.23
C GLU B 223 30.48 -3.76 -1.90
N LEU B 224 30.51 -2.46 -1.60
CA LEU B 224 29.32 -1.67 -1.24
C LEU B 224 28.14 -1.96 -2.16
N SER B 225 28.41 -2.03 -3.46
CA SER B 225 27.40 -2.33 -4.47
C SER B 225 26.77 -3.70 -4.24
N GLU B 226 27.60 -4.73 -4.23
CA GLU B 226 27.14 -6.11 -4.04
C GLU B 226 26.35 -6.29 -2.75
N ILE B 227 26.79 -5.60 -1.70
CA ILE B 227 26.08 -5.64 -0.41
C ILE B 227 24.73 -4.92 -0.48
N ILE B 228 24.73 -3.67 -0.94
CA ILE B 228 23.47 -2.91 -1.10
C ILE B 228 22.44 -3.67 -1.94
N GLU B 229 22.89 -4.31 -3.01
CA GLU B 229 22.01 -5.11 -3.84
C GLU B 229 21.40 -6.24 -3.04
N CYS B 230 22.26 -7.04 -2.42
CA CYS B 230 21.84 -8.21 -1.65
C CYS B 230 20.89 -7.81 -0.51
N LEU B 231 21.21 -6.71 0.16
CA LEU B 231 20.43 -6.24 1.29
C LEU B 231 19.01 -5.84 0.90
N THR B 232 18.86 -5.07 -0.17
CA THR B 232 17.57 -4.50 -0.57
C THR B 232 16.82 -5.25 -1.67
N GLN B 233 17.48 -6.21 -2.31
CA GLN B 233 16.88 -6.83 -3.49
C GLN B 233 16.73 -8.35 -3.44
N LYS B 234 17.77 -9.06 -3.03
CA LYS B 234 17.73 -10.53 -3.02
C LYS B 234 16.74 -11.03 -1.97
N VAL B 235 15.94 -12.03 -2.34
CA VAL B 235 14.94 -12.57 -1.43
C VAL B 235 15.48 -13.80 -0.75
N VAL B 236 15.52 -13.77 0.59
CA VAL B 236 16.15 -14.82 1.37
C VAL B 236 15.20 -15.41 2.41
N LEU B 237 15.01 -16.72 2.35
CA LEU B 237 14.27 -17.45 3.38
C LEU B 237 15.27 -18.13 4.29
N ILE B 238 14.98 -18.19 5.59
CA ILE B 238 15.94 -18.76 6.54
C ILE B 238 15.43 -20.02 7.21
N GLU B 239 16.22 -21.09 7.06
CA GLU B 239 15.88 -22.41 7.54
C GLU B 239 16.62 -22.68 8.85
N LEU B 240 15.87 -23.11 9.86
CA LEU B 240 16.42 -23.43 11.18
C LEU B 240 16.92 -24.86 11.22
#